data_5NIG
#
_entry.id   5NIG
#
_cell.length_a   68.606
_cell.length_b   128.319
_cell.length_c   53.521
_cell.angle_alpha   90.00
_cell.angle_beta   90.00
_cell.angle_gamma   90.00
#
_symmetry.space_group_name_H-M   'P 21 21 2'
#
loop_
_entity.id
_entity.type
_entity.pdbx_description
1 polymer 'HLA class II histocompatibility antigen, DR alpha chain'
2 polymer 'HLA class II histocompatibility antigen, DRB1-4 beta chain'
3 polymer Alpha-enolase
4 non-polymer (4S)-2-METHYL-2,4-PENTANEDIOL
5 non-polymer UREA
6 non-polymer 'TRIETHYLENE GLYCOL'
7 water water
#
loop_
_entity_poly.entity_id
_entity_poly.type
_entity_poly.pdbx_seq_one_letter_code
_entity_poly.pdbx_strand_id
1 'polypeptide(L)'
;IKEEHVIIQAEFYLNPDQSGEFMFDFDGDEIFHVDMAKKETVWRLEEFGRFASFEAQGALANIAVDKANLEIMTKRSNYT
PITNVPPEVTVLTNSPVELREPNVLICFIDKFTPPVVNVTWLRNGKPVTTGVSETVFLPREDHLFRKFHYLPFLPSTEDV
YDCRVEHWGLDEPLLKHWEFDSSADLVPR
;
A
2 'polypeptide(L)'
;GDTRPRFLEQVKHECHFFNGTERVRFLDRYFYHQEEYVRFDSDVGEYRAVTELGRPDAEYWNSQKDLLEQKRAAVDTYCR
HNYGVGESFTVQRRVYPEVTVYPAKTQPLQHHNLLVCSVNGFYPGSIEVRWFRNGQEEKTGVVSTGLIQNGDWTFQTLVM
LETVPRSGEVYTCQVEHPSLTSPLTVEWRASSADLVPR
;
B
3 'polypeptide(L)' K(CIR)IAKAVNEKSCNCL C
#
loop_
_chem_comp.id
_chem_comp.type
_chem_comp.name
_chem_comp.formula
MPD non-polymer (4S)-2-METHYL-2,4-PENTANEDIOL 'C6 H14 O2'
PGE non-polymer 'TRIETHYLENE GLYCOL' 'C6 H14 O4'
URE non-polymer UREA 'C H4 N2 O'
#
# COMPACT_ATOMS: atom_id res chain seq x y z
N LYS A 2 12.08 17.66 -2.58
CA LYS A 2 11.32 16.37 -2.57
C LYS A 2 9.96 16.49 -1.88
N GLU A 3 8.94 15.88 -2.47
CA GLU A 3 7.58 16.00 -1.93
C GLU A 3 7.46 15.40 -0.53
N GLU A 4 6.51 15.89 0.23
CA GLU A 4 6.25 15.40 1.56
C GLU A 4 5.13 14.38 1.50
N HIS A 5 4.10 14.62 0.66
CA HIS A 5 2.91 13.75 0.69
C HIS A 5 2.23 13.71 -0.65
N VAL A 6 1.52 12.63 -0.92
CA VAL A 6 0.74 12.47 -2.15
C VAL A 6 -0.63 11.89 -1.80
N ILE A 7 -1.70 12.54 -2.31
CA ILE A 7 -3.05 12.02 -2.21
C ILE A 7 -3.50 11.68 -3.62
N ILE A 8 -3.98 10.47 -3.81
CA ILE A 8 -4.46 10.03 -5.12
C ILE A 8 -5.88 9.50 -5.02
N GLN A 9 -6.75 10.02 -5.89
CA GLN A 9 -8.07 9.43 -6.15
C GLN A 9 -7.84 8.50 -7.34
N ALA A 10 -7.85 7.20 -7.07
CA ALA A 10 -7.57 6.19 -8.07
C ALA A 10 -8.85 5.42 -8.37
N GLU A 11 -9.10 5.21 -9.66
CA GLU A 11 -10.29 4.51 -10.11
C GLU A 11 -9.91 3.53 -11.18
N PHE A 12 -10.73 2.50 -11.34
CA PHE A 12 -10.64 1.65 -12.51
C PHE A 12 -11.97 1.11 -12.91
N TYR A 13 -12.06 0.72 -14.19
CA TYR A 13 -13.19 -0.05 -14.73
C TYR A 13 -12.61 -1.12 -15.62
N LEU A 14 -13.11 -2.35 -15.48
CA LEU A 14 -12.59 -3.53 -16.16
C LEU A 14 -13.69 -4.25 -16.93
N ASN A 15 -13.45 -4.50 -18.21
CA ASN A 15 -14.32 -5.33 -19.07
C ASN A 15 -13.60 -6.64 -19.34
N PRO A 16 -14.32 -7.74 -19.56
CA PRO A 16 -15.78 -7.79 -19.60
C PRO A 16 -16.42 -8.03 -18.23
N ASP A 17 -15.65 -7.96 -17.15
CA ASP A 17 -16.14 -8.19 -15.78
C ASP A 17 -17.17 -7.18 -15.33
N GLN A 18 -17.15 -5.97 -15.90
CA GLN A 18 -17.95 -4.84 -15.45
C GLN A 18 -17.69 -4.52 -13.99
N SER A 19 -16.42 -4.60 -13.61
CA SER A 19 -16.04 -4.36 -12.23
C SER A 19 -15.35 -3.01 -12.20
N GLY A 20 -15.54 -2.29 -11.11
CA GLY A 20 -14.95 -0.99 -10.95
C GLY A 20 -14.56 -0.74 -9.52
N GLU A 21 -13.79 0.32 -9.33
CA GLU A 21 -13.32 0.70 -8.01
C GLU A 21 -13.06 2.18 -7.97
N PHE A 22 -13.33 2.77 -6.80
CA PHE A 22 -13.12 4.19 -6.58
C PHE A 22 -12.53 4.30 -5.17
N MET A 23 -11.31 4.80 -5.07
CA MET A 23 -10.68 4.93 -3.78
C MET A 23 -9.76 6.14 -3.70
N PHE A 24 -9.44 6.55 -2.46
CA PHE A 24 -8.38 7.51 -2.19
C PHE A 24 -7.27 6.85 -1.42
N ASP A 25 -6.04 7.25 -1.78
CA ASP A 25 -4.74 6.77 -1.24
C ASP A 25 -3.97 7.98 -0.69
N PHE A 26 -3.35 7.81 0.47
CA PHE A 26 -2.45 8.81 1.06
C PHE A 26 -1.14 8.11 1.32
N ASP A 27 -0.08 8.55 0.63
CA ASP A 27 1.26 7.96 0.82
C ASP A 27 1.26 6.43 0.79
N GLY A 28 0.42 5.86 -0.07
CA GLY A 28 0.38 4.41 -0.23
C GLY A 28 -0.59 3.62 0.63
N ASP A 29 -1.33 4.30 1.50
CA ASP A 29 -2.38 3.67 2.32
C ASP A 29 -3.76 4.17 1.91
N GLU A 30 -4.74 3.28 2.01
CA GLU A 30 -6.11 3.61 1.61
C GLU A 30 -6.79 4.51 2.64
N ILE A 31 -7.34 5.65 2.22
CA ILE A 31 -8.20 6.45 3.12
C ILE A 31 -9.60 5.82 3.16
N PHE A 32 -10.19 5.62 1.98
CA PHE A 32 -11.51 5.00 1.86
C PHE A 32 -11.67 4.47 0.46
N HIS A 33 -12.72 3.67 0.28
CA HIS A 33 -13.22 3.38 -1.07
C HIS A 33 -14.74 3.47 -1.02
N VAL A 34 -15.36 3.50 -2.19
CA VAL A 34 -16.83 3.46 -2.25
C VAL A 34 -17.27 2.05 -2.62
N ASP A 35 -18.14 1.46 -1.79
CA ASP A 35 -18.87 0.22 -2.10
C ASP A 35 -19.96 0.63 -3.09
N MET A 36 -19.75 0.28 -4.34
CA MET A 36 -20.65 0.85 -5.33
CA MET A 36 -20.56 0.68 -5.51
C MET A 36 -21.98 0.11 -5.44
N ALA A 37 -22.06 -1.13 -4.94
CA ALA A 37 -23.35 -1.86 -4.79
C ALA A 37 -24.25 -1.24 -3.72
N LYS A 38 -23.67 -0.99 -2.55
CA LYS A 38 -24.41 -0.38 -1.44
C LYS A 38 -24.42 1.14 -1.52
N LYS A 39 -23.57 1.72 -2.38
CA LYS A 39 -23.50 3.16 -2.56
C LYS A 39 -23.11 3.82 -1.23
N GLU A 40 -22.00 3.34 -0.68
CA GLU A 40 -21.55 3.68 0.67
C GLU A 40 -20.04 3.97 0.70
N THR A 41 -19.69 5.03 1.43
CA THR A 41 -18.28 5.35 1.69
C THR A 41 -17.79 4.42 2.79
N VAL A 42 -16.74 3.68 2.53
CA VAL A 42 -16.16 2.72 3.47
C VAL A 42 -14.75 3.18 3.88
N TRP A 43 -14.64 3.67 5.10
CA TRP A 43 -13.39 4.24 5.60
C TRP A 43 -12.47 3.12 6.00
N ARG A 44 -11.17 3.26 5.70
CA ARG A 44 -10.26 2.17 5.96
C ARG A 44 -10.09 1.87 7.48
N LEU A 45 -10.04 2.93 8.26
CA LEU A 45 -10.06 2.88 9.74
C LEU A 45 -11.32 3.66 10.10
N GLU A 46 -12.13 3.08 10.98
CA GLU A 46 -13.38 3.71 11.43
C GLU A 46 -13.23 5.19 11.77
N GLU A 47 -12.16 5.49 12.48
CA GLU A 47 -11.90 6.84 12.98
C GLU A 47 -11.75 7.91 11.90
N PHE A 48 -11.41 7.52 10.67
CA PHE A 48 -11.32 8.51 9.61
C PHE A 48 -12.65 9.20 9.29
N GLY A 49 -13.76 8.52 9.53
CA GLY A 49 -15.07 9.09 9.25
C GLY A 49 -15.64 9.97 10.35
N ARG A 50 -14.87 10.20 11.41
CA ARG A 50 -15.33 10.98 12.54
C ARG A 50 -15.59 12.41 12.16
N PHE A 51 -14.71 12.97 11.35
CA PHE A 51 -14.82 14.37 10.95
C PHE A 51 -15.06 14.49 9.43
N ALA A 52 -14.39 13.64 8.64
CA ALA A 52 -14.47 13.68 7.18
C ALA A 52 -15.69 12.93 6.64
N SER A 53 -16.16 13.38 5.49
CA SER A 53 -17.27 12.76 4.77
C SER A 53 -16.96 12.76 3.26
N PHE A 54 -17.62 11.86 2.56
CA PHE A 54 -17.55 11.81 1.10
C PHE A 54 -18.89 11.35 0.54
N GLU A 55 -19.37 12.08 -0.47
CA GLU A 55 -20.65 11.73 -1.10
C GLU A 55 -20.46 10.55 -2.07
N ALA A 56 -20.83 9.36 -1.61
CA ALA A 56 -20.61 8.11 -2.34
C ALA A 56 -21.24 8.09 -3.72
N GLN A 57 -22.41 8.73 -3.89
CA GLN A 57 -23.03 8.78 -5.22
C GLN A 57 -22.10 9.37 -6.28
N GLY A 58 -21.22 10.28 -5.89
CA GLY A 58 -20.27 10.90 -6.83
C GLY A 58 -19.37 9.87 -7.49
N ALA A 59 -19.06 8.81 -6.75
CA ALA A 59 -18.22 7.73 -7.33
C ALA A 59 -18.91 7.04 -8.49
N LEU A 60 -20.21 6.81 -8.38
CA LEU A 60 -20.96 6.15 -9.45
C LEU A 60 -20.88 6.94 -10.75
N ALA A 61 -21.00 8.25 -10.67
CA ALA A 61 -20.89 9.11 -11.84
C ALA A 61 -19.50 8.97 -12.49
N ASN A 62 -18.47 8.97 -11.67
CA ASN A 62 -17.11 8.80 -12.18
C ASN A 62 -16.89 7.45 -12.83
N ILE A 63 -17.38 6.38 -12.23
CA ILE A 63 -17.23 5.04 -12.78
C ILE A 63 -17.97 4.93 -14.11
N ALA A 64 -19.08 5.65 -14.30
CA ALA A 64 -19.79 5.61 -15.58
C ALA A 64 -18.95 6.26 -16.65
N VAL A 65 -18.26 7.35 -16.32
CA VAL A 65 -17.29 7.95 -17.27
C VAL A 65 -16.13 6.98 -17.55
N ASP A 66 -15.61 6.30 -16.54
CA ASP A 66 -14.54 5.32 -16.73
C ASP A 66 -14.93 4.21 -17.71
N LYS A 67 -16.17 3.72 -17.59
CA LYS A 67 -16.72 2.72 -18.51
C LYS A 67 -16.81 3.25 -19.93
N ALA A 68 -17.37 4.45 -20.11
CA ALA A 68 -17.48 5.07 -21.44
C ALA A 68 -16.08 5.28 -22.05
N ASN A 69 -15.15 5.72 -21.23
CA ASN A 69 -13.79 5.89 -21.70
C ASN A 69 -13.14 4.58 -22.09
N LEU A 70 -13.34 3.55 -21.29
CA LEU A 70 -12.83 2.24 -21.61
C LEU A 70 -13.33 1.73 -22.97
N GLU A 71 -14.60 1.92 -23.23
CA GLU A 71 -15.16 1.53 -24.51
C GLU A 71 -14.42 2.19 -25.65
N ILE A 72 -14.15 3.48 -25.52
CA ILE A 72 -13.44 4.24 -26.53
C ILE A 72 -12.00 3.76 -26.69
N MET A 73 -11.29 3.61 -25.58
CA MET A 73 -9.89 3.21 -25.64
C MET A 73 -9.71 1.80 -26.17
N THR A 74 -10.68 0.92 -25.89
CA THR A 74 -10.64 -0.44 -26.40
C THR A 74 -10.71 -0.39 -27.94
N LYS A 75 -11.61 0.42 -28.47
CA LYS A 75 -11.69 0.60 -29.92
C LYS A 75 -10.41 1.21 -30.51
N ARG A 76 -9.90 2.27 -29.85
CA ARG A 76 -8.71 2.95 -30.36
C ARG A 76 -7.54 2.00 -30.44
N SER A 77 -7.47 1.06 -29.51
CA SER A 77 -6.34 0.12 -29.45
C SER A 77 -6.50 -1.09 -30.37
N ASN A 78 -7.59 -1.15 -31.14
CA ASN A 78 -7.94 -2.38 -31.91
C ASN A 78 -8.02 -3.61 -31.04
N TYR A 79 -8.64 -3.44 -29.84
CA TYR A 79 -8.88 -4.57 -28.92
C TYR A 79 -7.61 -5.22 -28.49
N THR A 80 -6.58 -4.38 -28.20
CA THR A 80 -5.38 -4.90 -27.58
C THR A 80 -5.72 -5.19 -26.12
N PRO A 81 -5.60 -6.46 -25.70
CA PRO A 81 -5.98 -6.78 -24.33
C PRO A 81 -4.82 -6.57 -23.38
N ILE A 82 -5.13 -6.60 -22.11
CA ILE A 82 -4.10 -6.48 -21.08
C ILE A 82 -3.20 -7.73 -21.06
N THR A 83 -1.92 -7.51 -20.80
CA THR A 83 -1.00 -8.59 -20.54
C THR A 83 -1.07 -8.95 -19.05
N ASN A 84 -1.34 -10.21 -18.74
CA ASN A 84 -1.39 -10.63 -17.33
C ASN A 84 -0.01 -10.49 -16.71
N VAL A 85 0.06 -9.90 -15.53
CA VAL A 85 1.29 -9.83 -14.77
C VAL A 85 1.01 -10.54 -13.44
N PRO A 86 1.67 -11.67 -13.18
CA PRO A 86 1.32 -12.45 -12.00
C PRO A 86 1.86 -11.82 -10.73
N PRO A 87 1.17 -12.06 -9.61
CA PRO A 87 1.59 -11.47 -8.35
C PRO A 87 2.80 -12.10 -7.72
N GLU A 88 3.46 -11.28 -6.90
CA GLU A 88 4.44 -11.69 -5.92
CA GLU A 88 4.43 -11.73 -5.92
C GLU A 88 3.70 -11.75 -4.58
N VAL A 89 3.81 -12.85 -3.84
CA VAL A 89 3.02 -13.04 -2.63
C VAL A 89 3.96 -13.28 -1.44
N THR A 90 3.67 -12.60 -0.34
CA THR A 90 4.44 -12.71 0.89
C THR A 90 3.45 -12.91 2.06
N VAL A 91 3.78 -13.83 2.95
CA VAL A 91 3.01 -14.01 4.18
C VAL A 91 3.85 -13.51 5.34
N LEU A 92 3.21 -12.71 6.19
CA LEU A 92 3.82 -11.96 7.26
C LEU A 92 2.97 -12.21 8.51
N THR A 93 3.53 -12.06 9.69
CA THR A 93 2.72 -11.83 10.89
C THR A 93 2.74 -10.39 11.30
N ASN A 94 1.65 -9.96 11.91
CA ASN A 94 1.54 -8.60 12.37
C ASN A 94 2.54 -8.26 13.46
N SER A 95 2.85 -9.21 14.32
CA SER A 95 3.76 -8.99 15.42
C SER A 95 4.57 -10.25 15.64
N PRO A 96 5.66 -10.16 16.43
CA PRO A 96 6.39 -11.38 16.77
C PRO A 96 5.47 -12.45 17.36
N VAL A 97 5.65 -13.69 16.93
CA VAL A 97 4.71 -14.75 17.31
C VAL A 97 5.11 -15.38 18.64
N GLU A 98 4.13 -15.48 19.53
CA GLU A 98 4.29 -16.20 20.82
C GLU A 98 3.13 -17.16 20.95
N LEU A 99 3.40 -18.40 21.40
CA LEU A 99 2.35 -19.40 21.51
C LEU A 99 1.21 -18.87 22.39
N ARG A 100 -0.01 -19.12 21.95
CA ARG A 100 -1.25 -18.74 22.66
C ARG A 100 -1.45 -17.23 22.87
N GLU A 101 -0.73 -16.39 22.12
CA GLU A 101 -0.98 -14.94 22.14
C GLU A 101 -1.56 -14.56 20.79
N PRO A 102 -2.80 -14.04 20.76
CA PRO A 102 -3.47 -13.71 19.49
C PRO A 102 -2.58 -12.88 18.58
N ASN A 103 -2.62 -13.21 17.29
CA ASN A 103 -1.77 -12.53 16.27
C ASN A 103 -2.60 -12.49 14.99
N VAL A 104 -1.99 -11.99 13.92
CA VAL A 104 -2.71 -11.85 12.64
C VAL A 104 -1.73 -12.21 11.55
N LEU A 105 -2.19 -13.13 10.70
CA LEU A 105 -1.46 -13.45 9.46
C LEU A 105 -1.89 -12.52 8.38
N ILE A 106 -0.90 -12.00 7.65
CA ILE A 106 -1.12 -11.06 6.56
C ILE A 106 -0.63 -11.72 5.28
N CYS A 107 -1.48 -11.74 4.26
CA CYS A 107 -1.09 -12.19 2.94
C CYS A 107 -1.04 -10.96 2.08
N PHE A 108 0.18 -10.64 1.62
CA PHE A 108 0.42 -9.44 0.81
C PHE A 108 0.64 -9.89 -0.64
N ILE A 109 -0.25 -9.43 -1.51
CA ILE A 109 -0.31 -9.83 -2.91
C ILE A 109 0.08 -8.56 -3.69
N ASP A 110 1.18 -8.63 -4.42
CA ASP A 110 1.81 -7.39 -4.97
C ASP A 110 2.16 -7.53 -6.46
N LYS A 111 2.21 -6.39 -7.13
CA LYS A 111 2.80 -6.26 -8.47
C LYS A 111 2.04 -7.08 -9.49
N PHE A 112 0.71 -6.94 -9.52
CA PHE A 112 -0.09 -7.75 -10.47
C PHE A 112 -1.11 -6.94 -11.20
N THR A 113 -1.57 -7.49 -12.34
CA THR A 113 -2.69 -6.92 -13.08
C THR A 113 -3.16 -8.01 -14.06
N PRO A 114 -4.43 -8.04 -14.47
CA PRO A 114 -5.53 -7.15 -14.06
C PRO A 114 -5.94 -7.36 -12.61
N PRO A 115 -6.75 -6.41 -12.08
CA PRO A 115 -7.20 -6.47 -10.68
C PRO A 115 -8.36 -7.45 -10.50
N VAL A 116 -8.02 -8.71 -10.67
CA VAL A 116 -8.96 -9.86 -10.45
C VAL A 116 -8.07 -10.94 -9.86
N VAL A 117 -8.44 -11.41 -8.69
CA VAL A 117 -7.57 -12.36 -7.98
C VAL A 117 -8.48 -13.12 -7.03
N ASN A 118 -8.10 -14.36 -6.78
CA ASN A 118 -8.79 -15.17 -5.79
C ASN A 118 -7.76 -15.52 -4.72
N VAL A 119 -8.09 -15.20 -3.48
CA VAL A 119 -7.20 -15.39 -2.35
C VAL A 119 -7.96 -16.16 -1.28
N THR A 120 -7.36 -17.27 -0.84
CA THR A 120 -7.96 -18.13 0.14
C THR A 120 -6.96 -18.43 1.24
N TRP A 121 -7.37 -18.19 2.48
CA TRP A 121 -6.58 -18.66 3.61
C TRP A 121 -6.88 -20.13 3.86
N LEU A 122 -5.83 -20.91 4.16
CA LEU A 122 -5.95 -22.32 4.43
C LEU A 122 -5.34 -22.61 5.81
N ARG A 123 -6.07 -23.33 6.66
CA ARG A 123 -5.56 -23.86 7.90
C ARG A 123 -5.56 -25.40 7.77
N ASN A 124 -4.37 -25.98 7.89
CA ASN A 124 -4.18 -27.38 7.60
C ASN A 124 -4.83 -27.86 6.25
N GLY A 125 -4.70 -27.02 5.21
CA GLY A 125 -5.22 -27.30 3.86
C GLY A 125 -6.68 -26.98 3.64
N LYS A 126 -7.39 -26.51 4.67
CA LYS A 126 -8.82 -26.28 4.58
C LYS A 126 -9.10 -24.78 4.51
N PRO A 127 -9.95 -24.33 3.57
CA PRO A 127 -10.31 -22.91 3.50
C PRO A 127 -10.92 -22.38 4.81
N VAL A 128 -10.45 -21.21 5.23
CA VAL A 128 -10.92 -20.54 6.44
C VAL A 128 -11.77 -19.39 5.95
N THR A 129 -13.06 -19.43 6.26
CA THR A 129 -13.99 -18.39 5.90
C THR A 129 -14.62 -17.79 7.16
N THR A 130 -13.83 -17.70 8.26
CA THR A 130 -14.25 -17.10 9.55
C THR A 130 -13.18 -16.18 10.11
N GLY A 131 -13.61 -14.93 10.29
CA GLY A 131 -12.77 -13.91 10.87
C GLY A 131 -11.82 -13.29 9.86
N VAL A 132 -11.95 -13.64 8.58
CA VAL A 132 -11.03 -13.11 7.57
C VAL A 132 -11.51 -11.77 7.07
N SER A 133 -10.55 -10.94 6.62
CA SER A 133 -10.86 -9.66 6.03
C SER A 133 -9.86 -9.39 4.91
N GLU A 134 -10.22 -8.44 4.08
CA GLU A 134 -9.37 -8.08 2.95
C GLU A 134 -9.57 -6.64 2.57
N THR A 135 -8.58 -6.13 1.85
CA THR A 135 -8.65 -4.80 1.29
C THR A 135 -9.14 -4.86 -0.15
N VAL A 136 -9.57 -3.72 -0.66
CA VAL A 136 -9.74 -3.56 -2.12
C VAL A 136 -8.36 -3.55 -2.82
N PHE A 137 -8.35 -3.39 -4.14
CA PHE A 137 -7.13 -3.34 -4.93
C PHE A 137 -6.51 -1.97 -4.70
N LEU A 138 -5.24 -1.97 -4.34
CA LEU A 138 -4.53 -0.72 -4.05
C LEU A 138 -3.57 -0.38 -5.20
N PRO A 139 -3.56 0.89 -5.63
CA PRO A 139 -2.78 1.25 -6.80
C PRO A 139 -1.29 1.32 -6.48
N ARG A 140 -0.47 0.97 -7.45
CA ARG A 140 0.99 1.14 -7.39
C ARG A 140 1.42 2.22 -8.39
N GLU A 141 2.58 2.79 -8.15
CA GLU A 141 3.11 3.83 -9.01
C GLU A 141 3.51 3.36 -10.40
N ASP A 142 3.66 2.04 -10.58
CA ASP A 142 3.85 1.43 -11.90
C ASP A 142 2.55 0.94 -12.55
N HIS A 143 1.43 1.27 -11.90
CA HIS A 143 0.09 1.06 -12.44
C HIS A 143 -0.36 -0.38 -12.41
N LEU A 144 0.40 -1.22 -11.69
CA LEU A 144 -0.07 -2.51 -11.24
C LEU A 144 -0.84 -2.30 -9.92
N PHE A 145 -1.16 -3.41 -9.26
CA PHE A 145 -1.96 -3.41 -8.06
C PHE A 145 -1.31 -4.21 -6.95
N ARG A 146 -1.77 -3.92 -5.74
CA ARG A 146 -1.43 -4.72 -4.56
CA ARG A 146 -1.44 -4.75 -4.57
C ARG A 146 -2.71 -4.92 -3.72
N LYS A 147 -2.67 -5.82 -2.75
CA LYS A 147 -3.85 -6.18 -1.98
C LYS A 147 -3.40 -6.90 -0.74
N PHE A 148 -4.20 -6.80 0.32
CA PHE A 148 -3.93 -7.50 1.58
C PHE A 148 -5.14 -8.33 2.00
N HIS A 149 -4.84 -9.52 2.50
CA HIS A 149 -5.83 -10.37 3.18
C HIS A 149 -5.30 -10.69 4.57
N TYR A 150 -6.24 -10.78 5.52
CA TYR A 150 -5.92 -10.91 6.94
C TYR A 150 -6.64 -12.08 7.59
N LEU A 151 -5.90 -12.78 8.46
CA LEU A 151 -6.46 -13.86 9.27
C LEU A 151 -6.00 -13.79 10.72
N PRO A 152 -6.89 -13.32 11.62
CA PRO A 152 -6.60 -13.41 13.06
C PRO A 152 -6.46 -14.88 13.45
N PHE A 153 -5.49 -15.20 14.29
CA PHE A 153 -5.25 -16.56 14.70
C PHE A 153 -4.59 -16.66 16.06
N LEU A 154 -4.73 -17.85 16.65
CA LEU A 154 -4.11 -18.15 17.92
C LEU A 154 -2.96 -19.08 17.63
N PRO A 155 -1.72 -18.62 17.80
CA PRO A 155 -0.60 -19.47 17.42
C PRO A 155 -0.52 -20.77 18.20
N SER A 156 -0.22 -21.86 17.48
CA SER A 156 -0.05 -23.20 18.06
C SER A 156 1.07 -23.94 17.36
N THR A 157 1.55 -25.02 17.97
CA THR A 157 2.54 -25.89 17.31
C THR A 157 1.87 -26.84 16.33
N GLU A 158 0.55 -26.97 16.40
CA GLU A 158 -0.19 -28.00 15.67
C GLU A 158 -0.52 -27.51 14.27
N ASP A 159 -1.02 -26.28 14.18
CA ASP A 159 -1.59 -25.78 12.92
C ASP A 159 -0.52 -25.30 11.94
N VAL A 160 -0.84 -25.40 10.65
CA VAL A 160 -0.08 -24.72 9.57
C VAL A 160 -1.05 -23.92 8.74
N TYR A 161 -0.49 -22.87 8.10
CA TYR A 161 -1.26 -21.96 7.33
C TYR A 161 -0.64 -21.77 5.96
N ASP A 162 -1.51 -21.48 5.00
CA ASP A 162 -1.10 -21.04 3.68
C ASP A 162 -2.04 -20.02 3.15
N CYS A 163 -1.49 -19.07 2.40
CA CYS A 163 -2.26 -18.16 1.58
C CYS A 163 -2.18 -18.76 0.18
N ARG A 164 -3.33 -19.04 -0.43
CA ARG A 164 -3.42 -19.56 -1.80
C ARG A 164 -3.94 -18.45 -2.67
N VAL A 165 -3.17 -18.14 -3.73
CA VAL A 165 -3.49 -17.06 -4.64
C VAL A 165 -3.63 -17.63 -6.07
N GLU A 166 -4.72 -17.27 -6.74
CA GLU A 166 -4.95 -17.61 -8.13
C GLU A 166 -5.12 -16.33 -8.95
N HIS A 167 -4.47 -16.32 -10.11
CA HIS A 167 -4.40 -15.19 -10.98
C HIS A 167 -4.09 -15.70 -12.40
N TRP A 168 -4.69 -15.06 -13.38
CA TRP A 168 -4.50 -15.46 -14.80
C TRP A 168 -3.05 -15.52 -15.26
N GLY A 169 -2.18 -14.72 -14.64
CA GLY A 169 -0.76 -14.74 -14.95
C GLY A 169 0.06 -15.89 -14.42
N LEU A 170 -0.54 -16.67 -13.51
CA LEU A 170 0.13 -17.79 -12.89
C LEU A 170 -0.18 -19.06 -13.70
N ASP A 171 0.76 -19.99 -13.64
CA ASP A 171 0.60 -21.31 -14.25
C ASP A 171 -0.17 -22.35 -13.36
N GLU A 172 -0.23 -22.12 -12.05
CA GLU A 172 -0.91 -22.99 -11.07
C GLU A 172 -1.27 -22.10 -9.87
N PRO A 173 -2.11 -22.59 -8.94
CA PRO A 173 -2.29 -21.80 -7.71
C PRO A 173 -0.95 -21.57 -7.00
N LEU A 174 -0.76 -20.38 -6.44
CA LEU A 174 0.47 -20.03 -5.73
C LEU A 174 0.19 -20.13 -4.22
N LEU A 175 0.99 -20.93 -3.52
CA LEU A 175 0.87 -21.19 -2.07
C LEU A 175 2.04 -20.54 -1.35
N LYS A 176 1.75 -19.70 -0.35
CA LYS A 176 2.77 -19.20 0.55
C LYS A 176 2.45 -19.63 1.98
N HIS A 177 3.47 -20.21 2.61
CA HIS A 177 3.29 -20.99 3.83
C HIS A 177 3.72 -20.19 5.05
N TRP A 178 3.03 -20.46 6.15
CA TRP A 178 3.50 -20.04 7.47
C TRP A 178 3.22 -21.17 8.47
N GLU A 179 4.20 -21.42 9.31
CA GLU A 179 3.98 -22.20 10.54
C GLU A 179 4.88 -21.68 11.66
N PHE A 180 4.52 -22.06 12.90
CA PHE A 180 5.30 -21.65 14.07
C PHE A 180 6.76 -22.09 14.02
N ASP A 181 7.63 -21.12 14.32
CA ASP A 181 9.05 -21.35 14.54
C ASP A 181 9.46 -20.71 15.86
N GLY B 1 -12.59 -22.67 -17.05
CA GLY B 1 -12.66 -21.28 -16.48
C GLY B 1 -12.80 -20.18 -17.53
N ASP B 2 -12.79 -18.95 -17.06
CA ASP B 2 -12.97 -17.76 -17.89
C ASP B 2 -11.61 -17.14 -18.22
N THR B 3 -11.12 -17.36 -19.44
CA THR B 3 -9.85 -16.74 -19.90
C THR B 3 -10.05 -15.77 -21.07
N ARG B 4 -11.25 -15.18 -21.15
CA ARG B 4 -11.51 -14.14 -22.12
C ARG B 4 -10.52 -12.97 -21.93
N PRO B 5 -10.15 -12.29 -23.02
CA PRO B 5 -9.28 -11.13 -22.85
C PRO B 5 -9.91 -10.06 -21.99
N ARG B 6 -9.06 -9.35 -21.25
CA ARG B 6 -9.49 -8.24 -20.38
C ARG B 6 -9.02 -6.90 -20.88
N PHE B 7 -9.77 -5.86 -20.53
CA PHE B 7 -9.51 -4.48 -20.93
C PHE B 7 -9.70 -3.59 -19.72
N LEU B 8 -8.69 -2.80 -19.37
CA LEU B 8 -8.68 -2.03 -18.13
C LEU B 8 -8.49 -0.56 -18.40
N GLU B 9 -9.35 0.25 -17.79
CA GLU B 9 -9.22 1.70 -17.76
C GLU B 9 -8.87 2.11 -16.34
N GLN B 10 -7.88 2.99 -16.18
CA GLN B 10 -7.62 3.60 -14.86
C GLN B 10 -7.60 5.09 -15.01
N VAL B 11 -7.93 5.78 -13.91
CA VAL B 11 -7.69 7.21 -13.80
CA VAL B 11 -7.72 7.21 -13.79
C VAL B 11 -7.08 7.45 -12.43
N LYS B 12 -6.10 8.35 -12.41
CA LYS B 12 -5.48 8.77 -11.14
C LYS B 12 -5.44 10.27 -11.09
N HIS B 13 -6.10 10.85 -10.08
CA HIS B 13 -6.12 12.27 -9.86
C HIS B 13 -5.21 12.49 -8.67
N GLU B 14 -4.03 13.03 -8.93
CA GLU B 14 -2.95 13.05 -7.94
C GLU B 14 -2.66 14.45 -7.47
N CYS B 15 -2.43 14.57 -6.17
CA CYS B 15 -2.05 15.84 -5.54
C CYS B 15 -0.74 15.60 -4.81
N HIS B 16 0.29 16.30 -5.24
CA HIS B 16 1.62 16.18 -4.67
C HIS B 16 1.94 17.46 -3.89
N PHE B 17 2.31 17.30 -2.62
CA PHE B 17 2.48 18.41 -1.68
C PHE B 17 3.94 18.54 -1.27
N PHE B 18 4.44 19.77 -1.31
CA PHE B 18 5.81 20.12 -0.96
C PHE B 18 5.78 21.22 0.11
N ASN B 19 6.53 21.05 1.19
CA ASN B 19 6.60 22.01 2.35
C ASN B 19 5.21 22.47 2.88
N GLY B 20 4.50 21.55 3.50
CA GLY B 20 3.11 21.69 3.84
C GLY B 20 2.30 21.71 2.56
N THR B 21 1.64 22.83 2.31
CA THR B 21 0.96 23.08 1.06
C THR B 21 1.56 24.29 0.33
N GLU B 22 2.82 24.63 0.61
CA GLU B 22 3.46 25.75 -0.04
C GLU B 22 3.48 25.58 -1.55
N ARG B 23 3.85 24.38 -2.01
CA ARG B 23 3.81 24.06 -3.43
C ARG B 23 2.97 22.79 -3.59
N VAL B 24 2.11 22.83 -4.59
CA VAL B 24 1.24 21.72 -4.92
C VAL B 24 1.31 21.48 -6.43
N ARG B 25 1.40 20.21 -6.79
CA ARG B 25 1.29 19.79 -8.19
C ARG B 25 0.14 18.82 -8.33
N PHE B 26 -0.77 19.13 -9.25
CA PHE B 26 -1.95 18.32 -9.55
C PHE B 26 -1.74 17.64 -10.91
N LEU B 27 -2.00 16.33 -10.95
CA LEU B 27 -1.94 15.54 -12.18
C LEU B 27 -3.26 14.81 -12.36
N ASP B 28 -3.82 14.97 -13.58
CA ASP B 28 -5.03 14.26 -13.99
C ASP B 28 -4.58 13.26 -15.05
N ARG B 29 -4.52 11.99 -14.69
CA ARG B 29 -3.82 10.95 -15.47
C ARG B 29 -4.76 9.83 -15.86
N TYR B 30 -4.73 9.45 -17.14
CA TYR B 30 -5.65 8.44 -17.67
C TYR B 30 -4.82 7.31 -18.29
N PHE B 31 -5.23 6.07 -18.02
CA PHE B 31 -4.47 4.87 -18.37
C PHE B 31 -5.33 3.84 -19.07
N TYR B 32 -4.73 3.17 -20.05
CA TYR B 32 -5.28 1.98 -20.70
C TYR B 32 -4.34 0.84 -20.37
N HIS B 33 -4.82 -0.11 -19.56
CA HIS B 33 -4.00 -1.14 -18.93
C HIS B 33 -3.02 -0.45 -17.97
N GLN B 34 -1.69 -0.50 -18.20
CA GLN B 34 -0.72 0.32 -17.42
CA GLN B 34 -0.68 0.25 -17.44
C GLN B 34 -0.27 1.54 -18.17
N GLU B 35 -0.75 1.75 -19.38
CA GLU B 35 -0.21 2.79 -20.25
C GLU B 35 -0.92 4.10 -20.03
N GLU B 36 -0.19 5.06 -19.47
CA GLU B 36 -0.71 6.44 -19.39
C GLU B 36 -0.81 7.00 -20.79
N TYR B 37 -2.00 7.47 -21.18
CA TYR B 37 -2.19 7.99 -22.54
C TYR B 37 -2.42 9.48 -22.67
N VAL B 38 -2.89 10.13 -21.59
CA VAL B 38 -3.10 11.58 -21.61
C VAL B 38 -3.01 12.06 -20.15
N ARG B 39 -2.52 13.28 -19.97
CA ARG B 39 -2.26 13.84 -18.65
C ARG B 39 -2.46 15.35 -18.67
N PHE B 40 -3.12 15.88 -17.61
CA PHE B 40 -3.04 17.29 -17.26
C PHE B 40 -2.06 17.40 -16.10
N ASP B 41 -1.06 18.25 -16.26
CA ASP B 41 -0.08 18.57 -15.22
C ASP B 41 -0.25 20.05 -14.93
N SER B 42 -0.53 20.39 -13.68
CA SER B 42 -0.67 21.80 -13.29
C SER B 42 0.58 22.64 -13.58
N ASP B 43 1.75 22.01 -13.64
CA ASP B 43 2.97 22.73 -14.03
C ASP B 43 3.01 23.11 -15.50
N VAL B 44 2.18 22.46 -16.30
CA VAL B 44 2.06 22.72 -17.72
C VAL B 44 0.82 23.57 -18.07
N GLY B 45 -0.31 23.28 -17.41
CA GLY B 45 -1.52 24.06 -17.56
C GLY B 45 -2.45 23.66 -18.67
N GLU B 46 -2.16 22.55 -19.37
CA GLU B 46 -3.09 21.99 -20.34
C GLU B 46 -2.87 20.51 -20.43
N TYR B 47 -3.79 19.78 -21.06
CA TYR B 47 -3.58 18.35 -21.34
C TYR B 47 -2.52 18.13 -22.42
N ARG B 48 -1.79 17.03 -22.26
CA ARG B 48 -0.81 16.61 -23.25
C ARG B 48 -0.97 15.13 -23.46
N ALA B 49 -0.88 14.70 -24.72
CA ALA B 49 -0.82 13.29 -25.03
C ALA B 49 0.48 12.71 -24.46
N VAL B 50 0.37 11.58 -23.77
CA VAL B 50 1.52 10.82 -23.30
C VAL B 50 1.88 9.70 -24.28
N THR B 51 0.86 9.13 -24.92
CA THR B 51 1.05 8.23 -26.04
C THR B 51 0.05 8.64 -27.13
N GLU B 52 0.19 8.03 -28.30
CA GLU B 52 -0.66 8.38 -29.42
C GLU B 52 -2.13 8.01 -29.19
N LEU B 53 -2.38 7.01 -28.31
CA LEU B 53 -3.75 6.70 -27.90
C LEU B 53 -4.47 7.91 -27.29
N GLY B 54 -3.73 8.84 -26.70
CA GLY B 54 -4.31 10.03 -26.10
C GLY B 54 -4.41 11.29 -26.92
N ARG B 55 -3.86 11.26 -28.13
CA ARG B 55 -3.85 12.48 -28.92
C ARG B 55 -5.26 13.07 -29.16
N PRO B 56 -6.26 12.22 -29.48
CA PRO B 56 -7.60 12.82 -29.72
C PRO B 56 -8.16 13.55 -28.49
N ASP B 57 -7.80 13.11 -27.30
CA ASP B 57 -8.36 13.69 -26.09
C ASP B 57 -7.65 14.98 -25.68
N ALA B 58 -6.32 15.06 -25.80
CA ALA B 58 -5.63 16.29 -25.40
C ALA B 58 -6.17 17.49 -26.19
N GLU B 59 -6.28 17.31 -27.50
CA GLU B 59 -6.81 18.33 -28.42
C GLU B 59 -8.25 18.74 -28.04
N TYR B 60 -9.09 17.74 -27.89
CA TYR B 60 -10.51 17.94 -27.60
C TYR B 60 -10.73 18.63 -26.25
N TRP B 61 -10.08 18.15 -25.21
CA TRP B 61 -10.27 18.77 -23.88
C TRP B 61 -9.67 20.18 -23.80
N ASN B 62 -8.52 20.39 -24.46
CA ASN B 62 -7.85 21.70 -24.43
C ASN B 62 -8.64 22.78 -25.17
N SER B 63 -9.54 22.37 -26.06
CA SER B 63 -10.43 23.31 -26.77
C SER B 63 -11.61 23.80 -25.93
N GLN B 64 -11.81 23.21 -24.76
CA GLN B 64 -12.90 23.58 -23.86
C GLN B 64 -12.33 24.46 -22.74
N LYS B 65 -12.61 25.75 -22.83
CA LYS B 65 -12.05 26.76 -21.93
C LYS B 65 -12.46 26.52 -20.48
N ASP B 66 -13.73 26.23 -20.26
CA ASP B 66 -14.26 26.01 -18.90
C ASP B 66 -13.62 24.77 -18.28
N LEU B 67 -13.41 23.75 -19.11
CA LEU B 67 -12.72 22.53 -18.71
C LEU B 67 -11.32 22.84 -18.18
N LEU B 68 -10.51 23.54 -18.97
CA LEU B 68 -9.17 23.90 -18.54
C LEU B 68 -9.16 24.77 -17.30
N GLU B 69 -10.07 25.73 -17.21
CA GLU B 69 -10.11 26.59 -16.02
C GLU B 69 -10.36 25.78 -14.74
N GLN B 70 -11.26 24.81 -14.83
CA GLN B 70 -11.54 23.94 -13.70
C GLN B 70 -10.28 23.16 -13.27
N LYS B 71 -9.56 22.59 -14.24
CA LYS B 71 -8.36 21.81 -13.89
CA LYS B 71 -8.34 21.82 -13.93
C LYS B 71 -7.25 22.70 -13.34
N ARG B 72 -7.12 23.92 -13.87
CA ARG B 72 -6.11 24.86 -13.40
C ARG B 72 -6.37 25.34 -11.97
N ALA B 73 -7.61 25.28 -11.52
CA ALA B 73 -7.97 25.66 -10.15
C ALA B 73 -7.90 24.48 -9.18
N ALA B 74 -7.68 23.27 -9.69
CA ALA B 74 -7.70 22.05 -8.87
C ALA B 74 -6.68 22.07 -7.74
N VAL B 75 -5.50 22.68 -7.96
CA VAL B 75 -4.50 22.72 -6.86
C VAL B 75 -5.11 23.28 -5.57
N ASP B 76 -6.10 24.17 -5.71
CA ASP B 76 -6.80 24.74 -4.55
C ASP B 76 -8.15 24.08 -4.25
N THR B 77 -9.01 23.94 -5.26
CA THR B 77 -10.36 23.46 -5.03
C THR B 77 -10.39 21.98 -4.63
N TYR B 78 -9.33 21.26 -5.00
CA TYR B 78 -9.25 19.81 -4.81
C TYR B 78 -8.08 19.43 -3.88
N CYS B 79 -6.85 19.76 -4.28
CA CYS B 79 -5.67 19.34 -3.53
C CYS B 79 -5.58 20.02 -2.16
N ARG B 80 -5.43 21.36 -2.13
CA ARG B 80 -5.33 22.02 -0.82
C ARG B 80 -6.58 21.79 0.02
N HIS B 81 -7.75 21.73 -0.60
CA HIS B 81 -8.97 21.49 0.13
C HIS B 81 -8.89 20.15 0.84
N ASN B 82 -8.58 19.10 0.09
CA ASN B 82 -8.56 17.76 0.67
C ASN B 82 -7.44 17.54 1.67
N TYR B 83 -6.31 18.21 1.45
CA TYR B 83 -5.23 18.19 2.44
C TYR B 83 -5.74 18.71 3.78
N GLY B 84 -6.46 19.83 3.73
CA GLY B 84 -7.02 20.41 4.93
C GLY B 84 -8.01 19.50 5.62
N VAL B 85 -8.88 18.86 4.84
CA VAL B 85 -9.87 17.94 5.40
C VAL B 85 -9.20 16.78 6.13
N GLY B 86 -8.19 16.19 5.48
CA GLY B 86 -7.57 14.99 5.99
C GLY B 86 -6.41 15.17 6.94
N GLU B 87 -5.92 16.40 7.12
CA GLU B 87 -4.61 16.60 7.75
C GLU B 87 -4.47 15.91 9.11
N SER B 88 -5.47 16.06 9.98
CA SER B 88 -5.34 15.62 11.38
CA SER B 88 -5.34 15.60 11.37
C SER B 88 -5.08 14.11 11.52
N PHE B 89 -5.63 13.33 10.58
CA PHE B 89 -5.59 11.87 10.66
C PHE B 89 -4.68 11.19 9.63
N THR B 90 -4.02 11.98 8.81
CA THR B 90 -3.11 11.48 7.75
C THR B 90 -1.72 12.07 7.97
N VAL B 91 -1.55 13.32 7.55
CA VAL B 91 -0.31 14.09 7.71
C VAL B 91 0.15 14.06 9.17
N GLN B 92 -0.78 14.22 10.11
CA GLN B 92 -0.43 14.30 11.55
C GLN B 92 -0.59 12.99 12.30
N ARG B 93 -0.77 11.88 11.59
CA ARG B 93 -0.84 10.58 12.23
C ARG B 93 0.56 10.18 12.69
N ARG B 94 0.70 9.87 13.98
CA ARG B 94 1.96 9.38 14.54
C ARG B 94 1.63 8.28 15.53
N VAL B 95 2.10 7.07 15.23
CA VAL B 95 1.84 5.88 16.03
C VAL B 95 3.17 5.31 16.45
N TYR B 96 3.30 5.13 17.77
CA TYR B 96 4.57 4.80 18.41
C TYR B 96 4.89 3.34 18.20
N PRO B 97 6.16 3.01 17.92
CA PRO B 97 6.53 1.64 17.65
C PRO B 97 6.62 0.74 18.90
N GLU B 98 6.17 -0.50 18.78
CA GLU B 98 6.46 -1.54 19.76
C GLU B 98 7.75 -2.20 19.34
N VAL B 99 8.75 -2.22 20.22
CA VAL B 99 10.06 -2.76 19.90
C VAL B 99 10.38 -3.98 20.77
N THR B 100 10.75 -5.08 20.11
CA THR B 100 11.07 -6.35 20.78
C THR B 100 12.46 -6.77 20.29
N VAL B 101 13.36 -7.15 21.20
CA VAL B 101 14.67 -7.64 20.82
C VAL B 101 14.79 -9.08 21.31
N TYR B 102 15.27 -9.94 20.45
CA TYR B 102 15.44 -11.35 20.79
C TYR B 102 16.48 -12.01 19.88
N PRO B 103 17.19 -13.03 20.38
CA PRO B 103 18.01 -13.81 19.48
C PRO B 103 17.20 -14.71 18.57
N ALA B 104 17.63 -14.86 17.33
CA ALA B 104 16.87 -15.63 16.35
C ALA B 104 16.80 -17.10 16.73
N LYS B 105 17.88 -17.58 17.36
CA LYS B 105 17.93 -18.95 17.84
C LYS B 105 18.49 -18.98 19.25
N THR B 106 18.06 -19.95 20.04
CA THR B 106 18.71 -20.22 21.30
C THR B 106 20.06 -20.83 20.96
N GLN B 107 21.13 -20.09 21.26
CA GLN B 107 22.51 -20.48 20.95
C GLN B 107 23.31 -20.17 22.21
N PRO B 108 24.32 -20.99 22.52
CA PRO B 108 25.21 -20.67 23.64
C PRO B 108 26.08 -19.47 23.25
N LEU B 109 26.56 -18.73 24.23
CA LEU B 109 27.45 -17.61 23.96
C LEU B 109 28.75 -18.10 23.32
N GLN B 110 29.45 -17.19 22.64
CA GLN B 110 30.70 -17.46 21.90
C GLN B 110 30.47 -18.25 20.60
N HIS B 111 29.23 -18.26 20.11
CA HIS B 111 28.88 -18.81 18.82
C HIS B 111 28.04 -17.81 18.02
N HIS B 112 28.09 -17.94 16.70
CA HIS B 112 27.34 -17.05 15.84
CA HIS B 112 27.31 -17.10 15.78
C HIS B 112 25.84 -17.06 16.16
N ASN B 113 25.25 -15.86 16.16
CA ASN B 113 23.81 -15.72 16.27
C ASN B 113 23.37 -14.48 15.50
N LEU B 114 22.05 -14.36 15.38
CA LEU B 114 21.41 -13.20 14.77
CA LEU B 114 21.42 -13.23 14.76
C LEU B 114 20.53 -12.60 15.85
N LEU B 115 20.79 -11.33 16.19
CA LEU B 115 19.96 -10.63 17.14
C LEU B 115 18.92 -9.85 16.35
N VAL B 116 17.64 -10.00 16.70
CA VAL B 116 16.53 -9.43 15.96
C VAL B 116 16.00 -8.24 16.73
N CYS B 117 15.88 -7.09 16.06
CA CYS B 117 15.15 -5.95 16.59
C CYS B 117 13.90 -5.81 15.74
N SER B 118 12.76 -6.19 16.32
CA SER B 118 11.48 -6.16 15.63
C SER B 118 10.78 -4.86 16.04
N VAL B 119 10.46 -4.04 15.04
CA VAL B 119 9.89 -2.72 15.26
C VAL B 119 8.53 -2.73 14.58
N ASN B 120 7.46 -2.71 15.38
CA ASN B 120 6.13 -3.05 14.88
C ASN B 120 5.10 -1.97 15.18
N GLY B 121 4.21 -1.75 14.23
CA GLY B 121 3.01 -0.99 14.44
C GLY B 121 3.14 0.50 14.34
N PHE B 122 4.19 0.99 13.67
CA PHE B 122 4.51 2.41 13.68
C PHE B 122 3.96 3.14 12.46
N TYR B 123 3.83 4.46 12.59
CA TYR B 123 3.41 5.32 11.48
C TYR B 123 3.92 6.72 11.78
N PRO B 124 4.48 7.46 10.81
CA PRO B 124 4.65 7.12 9.40
C PRO B 124 5.84 6.23 9.15
N GLY B 125 6.16 6.01 7.87
CA GLY B 125 7.17 5.01 7.50
C GLY B 125 8.62 5.40 7.74
N SER B 126 8.91 6.71 7.76
CA SER B 126 10.26 7.22 8.02
CA SER B 126 10.27 7.21 8.01
C SER B 126 10.79 6.77 9.37
N ILE B 127 11.86 5.99 9.37
CA ILE B 127 12.40 5.46 10.61
C ILE B 127 13.89 5.17 10.43
N GLU B 128 14.64 5.25 11.52
CA GLU B 128 16.04 4.79 11.55
C GLU B 128 16.18 3.80 12.70
N VAL B 129 16.75 2.64 12.42
CA VAL B 129 16.95 1.62 13.42
C VAL B 129 18.46 1.33 13.44
N ARG B 130 19.08 1.40 14.61
CA ARG B 130 20.52 1.26 14.74
C ARG B 130 20.83 0.21 15.81
N TRP B 131 21.92 -0.51 15.60
CA TRP B 131 22.41 -1.50 16.54
C TRP B 131 23.70 -1.03 17.17
N PHE B 132 23.81 -1.27 18.46
CA PHE B 132 25.03 -0.98 19.24
C PHE B 132 25.49 -2.22 20.00
N ARG B 133 26.81 -2.37 20.11
CA ARG B 133 27.45 -3.42 20.90
C ARG B 133 28.30 -2.68 21.95
N ASN B 134 27.95 -2.83 23.22
CA ASN B 134 28.62 -2.08 24.29
C ASN B 134 28.77 -0.59 23.97
N GLY B 135 27.71 0.05 23.46
CA GLY B 135 27.81 1.49 23.13
C GLY B 135 28.48 1.89 21.81
N GLN B 136 29.10 0.94 21.10
CA GLN B 136 29.70 1.16 19.78
C GLN B 136 28.67 0.77 18.74
N GLU B 137 28.39 1.67 17.82
CA GLU B 137 27.46 1.38 16.75
C GLU B 137 28.06 0.35 15.80
N GLU B 138 27.26 -0.67 15.50
CA GLU B 138 27.60 -1.70 14.54
C GLU B 138 27.03 -1.35 13.19
N LYS B 139 27.84 -1.40 12.14
CA LYS B 139 27.40 -1.06 10.79
C LYS B 139 27.41 -2.26 9.81
N THR B 140 28.38 -3.13 9.98
CA THR B 140 28.47 -4.32 9.16
C THR B 140 27.65 -5.43 9.79
N GLY B 141 27.28 -6.40 8.98
CA GLY B 141 26.50 -7.51 9.45
C GLY B 141 25.09 -7.15 9.90
N VAL B 142 24.53 -6.10 9.34
CA VAL B 142 23.18 -5.65 9.66
C VAL B 142 22.30 -5.88 8.45
N VAL B 143 21.26 -6.69 8.62
CA VAL B 143 20.35 -7.06 7.55
CA VAL B 143 20.33 -7.03 7.55
C VAL B 143 18.92 -6.74 7.98
N SER B 144 18.12 -6.24 7.08
CA SER B 144 16.73 -5.91 7.42
CA SER B 144 16.72 -5.97 7.45
C SER B 144 15.76 -6.42 6.38
N THR B 145 14.51 -6.51 6.80
CA THR B 145 13.40 -6.76 5.88
C THR B 145 13.10 -5.57 4.95
N GLY B 146 13.69 -4.44 5.25
CA GLY B 146 13.22 -3.17 4.73
C GLY B 146 11.92 -2.77 5.39
N LEU B 147 11.29 -1.75 4.85
CA LEU B 147 10.08 -1.19 5.41
C LEU B 147 8.90 -1.98 4.86
N ILE B 148 8.09 -2.54 5.75
CA ILE B 148 6.95 -3.38 5.39
CA ILE B 148 6.94 -3.37 5.38
C ILE B 148 5.65 -2.65 5.75
N GLN B 149 4.80 -2.40 4.76
CA GLN B 149 3.48 -1.81 4.96
C GLN B 149 2.53 -2.98 5.36
N ASN B 150 1.79 -2.82 6.45
CA ASN B 150 0.82 -3.85 6.87
C ASN B 150 -0.56 -3.68 6.21
N GLY B 151 -0.79 -2.54 5.57
CA GLY B 151 -2.04 -2.29 4.85
C GLY B 151 -3.09 -1.60 5.70
N ASP B 152 -2.81 -1.45 6.99
CA ASP B 152 -3.75 -0.90 7.99
C ASP B 152 -3.25 0.41 8.62
N TRP B 153 -2.46 1.15 7.86
CA TRP B 153 -1.84 2.38 8.36
C TRP B 153 -0.84 2.15 9.49
N THR B 154 -0.18 1.01 9.46
CA THR B 154 1.01 0.76 10.25
C THR B 154 2.04 0.06 9.40
N PHE B 155 3.28 0.21 9.86
CA PHE B 155 4.44 -0.45 9.27
C PHE B 155 5.10 -1.36 10.27
N GLN B 156 5.96 -2.22 9.76
CA GLN B 156 6.91 -2.95 10.60
C GLN B 156 8.23 -3.08 9.88
N THR B 157 9.27 -3.36 10.64
CA THR B 157 10.58 -3.72 10.09
C THR B 157 11.27 -4.62 11.08
N LEU B 158 12.05 -5.58 10.58
CA LEU B 158 12.92 -6.38 11.42
C LEU B 158 14.34 -6.08 10.99
N VAL B 159 15.18 -5.73 11.95
CA VAL B 159 16.56 -5.35 11.67
C VAL B 159 17.43 -6.28 12.52
N MET B 160 18.26 -7.06 11.84
CA MET B 160 19.00 -8.12 12.45
CA MET B 160 19.03 -8.19 12.38
C MET B 160 20.51 -7.87 12.42
N LEU B 161 21.16 -8.23 13.51
CA LEU B 161 22.60 -8.08 13.68
C LEU B 161 23.26 -9.45 13.78
N GLU B 162 24.20 -9.71 12.88
CA GLU B 162 25.05 -10.92 12.94
C GLU B 162 26.12 -10.66 13.96
N THR B 163 26.25 -11.52 14.95
CA THR B 163 27.28 -11.32 15.95
C THR B 163 27.68 -12.60 16.67
N VAL B 164 28.78 -12.53 17.40
CA VAL B 164 29.22 -13.64 18.26
C VAL B 164 29.27 -13.07 19.67
N PRO B 165 28.18 -13.25 20.42
CA PRO B 165 28.11 -12.55 21.71
C PRO B 165 28.90 -13.28 22.77
N ARG B 166 29.40 -12.49 23.72
CA ARG B 166 30.21 -12.98 24.84
C ARG B 166 29.57 -12.52 26.14
N SER B 167 29.82 -13.25 27.22
CA SER B 167 29.31 -12.88 28.54
C SER B 167 29.62 -11.41 28.87
N GLY B 168 28.64 -10.71 29.43
CA GLY B 168 28.84 -9.33 29.88
C GLY B 168 28.57 -8.26 28.83
N GLU B 169 28.44 -8.66 27.57
CA GLU B 169 28.11 -7.68 26.53
C GLU B 169 26.64 -7.26 26.59
N VAL B 170 26.40 -6.00 26.20
CA VAL B 170 25.08 -5.43 26.14
C VAL B 170 24.93 -4.91 24.73
N TYR B 171 23.92 -5.43 24.04
CA TYR B 171 23.55 -4.96 22.71
C TYR B 171 22.32 -4.09 22.82
N THR B 172 22.26 -3.02 22.06
CA THR B 172 21.14 -2.08 22.15
C THR B 172 20.60 -1.81 20.74
N CYS B 173 19.28 -1.95 20.59
CA CYS B 173 18.58 -1.48 19.39
C CYS B 173 18.03 -0.08 19.70
N GLN B 174 18.32 0.91 18.83
CA GLN B 174 17.82 2.27 19.01
CA GLN B 174 17.85 2.29 18.99
C GLN B 174 16.93 2.60 17.82
N VAL B 175 15.79 3.22 18.10
CA VAL B 175 14.85 3.64 17.09
C VAL B 175 14.73 5.15 17.12
N GLU B 176 14.79 5.78 15.94
CA GLU B 176 14.48 7.22 15.78
C GLU B 176 13.29 7.29 14.84
N HIS B 177 12.26 8.05 15.22
CA HIS B 177 10.98 8.05 14.52
C HIS B 177 10.22 9.30 14.91
N PRO B 178 9.34 9.84 14.02
CA PRO B 178 8.65 11.10 14.38
C PRO B 178 7.71 11.05 15.58
N SER B 179 7.27 9.84 15.98
CA SER B 179 6.39 9.70 17.13
C SER B 179 7.06 9.90 18.47
N LEU B 180 8.40 9.88 18.51
CA LEU B 180 9.09 9.89 19.78
C LEU B 180 9.11 11.29 20.38
N THR B 181 8.88 11.35 21.68
CA THR B 181 9.13 12.56 22.45
C THR B 181 10.40 12.46 23.29
N SER B 182 10.94 11.26 23.40
CA SER B 182 12.20 10.99 24.05
C SER B 182 12.82 9.72 23.44
N PRO B 183 14.09 9.42 23.72
CA PRO B 183 14.71 8.30 22.99
C PRO B 183 14.09 6.92 23.26
N LEU B 184 14.23 6.04 22.26
CA LEU B 184 13.74 4.69 22.32
CA LEU B 184 13.74 4.67 22.33
C LEU B 184 14.89 3.71 22.10
N THR B 185 15.29 3.04 23.17
CA THR B 185 16.30 1.99 23.13
C THR B 185 15.79 0.76 23.85
N VAL B 186 16.15 -0.41 23.34
CA VAL B 186 15.86 -1.69 23.95
C VAL B 186 17.15 -2.50 23.97
N GLU B 187 17.50 -3.04 25.15
CA GLU B 187 18.72 -3.79 25.35
C GLU B 187 18.49 -5.30 25.34
N TRP B 188 19.53 -6.01 24.92
CA TRP B 188 19.65 -7.43 25.13
C TRP B 188 21.00 -7.65 25.79
N ARG B 189 20.96 -8.26 26.96
CA ARG B 189 22.17 -8.54 27.71
C ARG B 189 22.54 -9.98 27.46
N ALA B 190 23.79 -10.19 27.04
CA ALA B 190 24.28 -11.53 26.73
C ALA B 190 24.23 -12.47 27.96
N SER B 191 24.54 -11.95 29.14
CA SER B 191 24.42 -12.73 30.38
C SER B 191 22.99 -13.08 30.85
N SER B 192 21.95 -12.51 30.22
CA SER B 192 20.56 -12.97 30.42
C SER B 192 20.22 -14.23 29.64
N ALA B 193 21.06 -14.59 28.67
CA ALA B 193 20.88 -15.79 27.85
C ALA B 193 22.20 -16.56 27.76
N ASP B 194 22.73 -16.91 28.93
CA ASP B 194 23.93 -17.74 29.07
C ASP B 194 23.47 -19.20 29.23
N LEU B 195 23.23 -19.84 28.08
CA LEU B 195 22.66 -21.20 28.00
C LEU B 195 23.56 -22.27 28.65
N VAL B 196 24.88 -22.14 28.43
CA VAL B 196 25.89 -23.08 28.98
C VAL B 196 26.99 -22.22 29.66
N PRO B 197 26.78 -21.84 30.95
CA PRO B 197 27.68 -20.89 31.67
C PRO B 197 29.16 -21.25 31.68
N LYS C 1 -16.13 17.67 7.64
CA LYS C 1 -15.75 18.38 6.39
C LYS C 1 -15.74 17.39 5.22
C CIR C 2 -15.15 16.92 2.00
O CIR C 2 -14.53 17.93 1.59
CA CIR C 2 -16.40 16.98 2.88
N CIR C 2 -16.18 17.85 4.04
C3 CIR C 2 -17.54 17.60 2.06
C4 CIR C 2 -18.03 16.85 0.83
C5 CIR C 2 -18.84 15.62 1.20
N6 CIR C 2 -20.11 15.96 1.84
C7 CIR C 2 -21.00 15.09 2.32
O7 CIR C 2 -20.75 13.88 2.27
N8 CIR C 2 -22.14 15.54 2.86
N ILE C 3 -14.76 15.69 1.68
CA ILE C 3 -13.70 15.44 0.70
C ILE C 3 -14.24 15.71 -0.72
N ALA C 4 -13.52 16.55 -1.47
CA ALA C 4 -13.88 16.92 -2.84
C ALA C 4 -13.49 15.82 -3.81
N LYS C 5 -14.35 15.57 -4.78
CA LYS C 5 -14.14 14.61 -5.84
C LYS C 5 -13.62 15.31 -7.09
N ALA C 6 -12.57 14.74 -7.70
CA ALA C 6 -12.15 15.16 -9.04
C ALA C 6 -13.03 14.48 -10.08
N VAL C 7 -13.48 15.29 -11.04
CA VAL C 7 -14.25 14.75 -12.16
C VAL C 7 -13.36 14.06 -13.21
N ASN C 8 -13.95 13.14 -13.93
CA ASN C 8 -13.29 12.51 -15.06
C ASN C 8 -13.75 13.16 -16.36
N GLU C 9 -12.80 13.48 -17.22
CA GLU C 9 -13.16 14.00 -18.53
CA GLU C 9 -13.12 14.01 -18.55
C GLU C 9 -13.52 12.82 -19.45
N LYS C 10 -14.41 13.10 -20.40
CA LYS C 10 -14.97 12.12 -21.32
C LYS C 10 -14.21 12.14 -22.64
N SER C 11 -13.60 11.01 -22.99
CA SER C 11 -12.85 10.89 -24.24
C SER C 11 -13.72 11.20 -25.45
N CYS C 12 -13.08 11.75 -26.48
CA CYS C 12 -13.69 11.95 -27.76
C CYS C 12 -14.07 10.60 -28.39
N ASN C 13 -15.33 10.42 -28.81
CA ASN C 13 -15.70 9.19 -29.52
C ASN C 13 -15.50 9.53 -30.97
N CYS C 14 -14.25 9.61 -31.34
CA CYS C 14 -13.89 10.34 -32.55
C CYS C 14 -14.15 9.50 -33.82
N LEU C 15 -15.44 9.35 -34.15
CA LEU C 15 -15.88 8.47 -35.23
C LEU C 15 -15.72 9.13 -36.58
C1 MPD D . -10.86 -3.83 7.30
C2 MPD D . -10.76 -4.29 5.87
O2 MPD D . -9.48 -4.94 5.74
CM MPD D . -11.88 -5.29 5.58
C3 MPD D . -10.80 -3.17 4.81
C4 MPD D . -11.68 -1.91 5.03
O4 MPD D . -12.13 -1.54 3.73
C5 MPD D . -12.91 -1.94 5.96
C URE E . 0.61 25.92 -6.80
O URE E . 0.46 25.42 -7.91
N1 URE E . 1.73 25.67 -6.09
N2 URE E . -0.33 26.71 -6.28
C1 PGE F . -1.30 -2.16 15.51
O1 PGE F . -0.05 -1.72 15.00
C2 PGE F . -2.41 -1.23 15.05
O2 PGE F . -2.95 -1.81 13.89
C3 PGE F . -2.37 -3.11 13.78
C4 PGE F . -1.15 -3.19 12.90
O4 PGE F . 3.33 -4.55 12.83
C6 PGE F . 2.19 -4.33 13.64
C5 PGE F . 1.13 -3.58 12.91
O3 PGE F . 0.00 -3.32 13.69
C1 MPD G . -13.29 19.82 -6.89
C2 MPD G . -13.63 20.09 -8.37
O2 MPD G . -14.60 19.12 -8.81
CM MPD G . -14.26 21.47 -8.52
C3 MPD G . -12.35 20.11 -9.21
C4 MPD G . -11.94 18.77 -9.76
O4 MPD G . -12.94 18.19 -10.61
C5 MPD G . -10.69 18.90 -10.61
C1 MPD H . -24.29 9.18 -34.00
C2 MPD H . -23.58 7.92 -33.55
O2 MPD H . -24.05 6.79 -34.30
CM MPD H . -22.11 8.07 -33.86
C3 MPD H . -23.83 7.74 -32.06
C4 MPD H . -23.25 6.47 -31.43
O4 MPD H . -21.81 6.56 -31.32
C5 MPD H . -23.78 6.25 -30.03
#